data_5NZY
#
_entry.id   5NZY
#
_cell.length_a   51.122
_cell.length_b   55.830
_cell.length_c   112.743
_cell.angle_alpha   90.00
_cell.angle_beta   90.00
_cell.angle_gamma   90.00
#
_symmetry.space_group_name_H-M   'P 21 21 21'
#
loop_
_entity.id
_entity.type
_entity.pdbx_description
1 polymer 'DNA cross-link repair 1A protein'
2 non-polymer 'NICKEL (II) ION'
3 non-polymer '(6R,7R)-3-(acetyloxymethyl)-7-[[(2Z)-2-(2-amino-1,3-thiazol-4-yl)-2-methoxyimino-ethanoyl]amino]-8-oxo-5-thia-1-azabicy clo[4.2.0]oct-2-ene-2-carboxylic acid'
4 water water
#
_entity_poly.entity_id   1
_entity_poly.type   'polypeptide(L)'
_entity_poly.pdbx_seq_one_letter_code
;KKTCPFYKKIPGTGFTVDAFQYGVVEGCTAYFLTHFHSDHYAGLSKHFTFPVYCSEITGNLLKNKLHVQEQYIHPLPLDT
ECIVNGVKVVLLDANHCPGAVMILFYLPNGTVILHTGDFRADPSMERSLLADQKVHMLYLDTTYCSPEYTFPSQQEVIRF
AINTAFEAVTLNPHALVVCGTYSIGKEKVFLAIADVLGSKVGMSQEKYKTLQCLNIPEINSLITTDMCSSLVHLLPMMQI
NFKGLQSHLKKCGGKYNQILAFRPTGWTHSNKFTRIADVIPQTKGNISIYGIPYSEHSSYLEMKRFVQWLKPQKIIPTVN
VGTWKSRSTMEKYFREWKLEAGY
;
_entity_poly.pdbx_strand_id   A
#
loop_
_chem_comp.id
_chem_comp.type
_chem_comp.name
_chem_comp.formula
CE3 non-polymer '(6R,7R)-3-(acetyloxymethyl)-7-[[(2Z)-2-(2-amino-1,3-thiazol-4-yl)-2-methoxyimino-ethanoyl]amino]-8-oxo-5-thia-1-azabicy clo[4.2.0]oct-2-ene-2-carboxylic acid' 'C16 H17 N5 O7 S2'
NI non-polymer 'NICKEL (II) ION' 'Ni 2'
#
# COMPACT_ATOMS: atom_id res chain seq x y z
N THR A 3 -23.66 8.08 4.02
CA THR A 3 -23.25 9.38 4.53
C THR A 3 -21.73 9.47 4.68
N CYS A 4 -21.14 10.38 3.92
CA CYS A 4 -19.69 10.54 3.88
C CYS A 4 -19.16 10.98 5.24
N PRO A 5 -18.22 10.24 5.85
CA PRO A 5 -17.66 10.67 7.13
C PRO A 5 -16.93 12.00 6.99
N PHE A 6 -16.89 12.75 8.11
CA PHE A 6 -16.35 14.11 8.06
C PHE A 6 -14.87 14.10 7.70
N TYR A 7 -14.13 13.07 8.10
CA TYR A 7 -12.70 13.04 7.84
C TYR A 7 -12.37 12.78 6.38
N LYS A 8 -13.37 12.61 5.52
CA LYS A 8 -13.12 12.50 4.08
C LYS A 8 -13.38 13.81 3.34
N LYS A 9 -13.77 14.87 4.04
CA LYS A 9 -13.97 16.17 3.45
C LYS A 9 -12.86 17.12 3.88
N ILE A 10 -12.37 17.93 2.94
CA ILE A 10 -11.32 18.90 3.21
C ILE A 10 -11.99 20.26 3.41
N PRO A 11 -11.93 20.85 4.59
CA PRO A 11 -12.68 22.09 4.84
C PRO A 11 -12.11 23.27 4.04
N GLY A 12 -13.01 24.19 3.66
CA GLY A 12 -12.64 25.33 2.87
C GLY A 12 -12.49 25.06 1.40
N THR A 13 -12.73 23.82 0.99
CA THR A 13 -12.70 23.39 -0.40
C THR A 13 -13.98 22.62 -0.68
N GLY A 14 -14.19 22.26 -1.94
CA GLY A 14 -15.23 21.32 -2.29
C GLY A 14 -14.64 19.95 -2.55
N PHE A 15 -13.56 19.61 -1.85
CA PHE A 15 -12.83 18.37 -2.11
C PHE A 15 -13.21 17.28 -1.14
N THR A 16 -13.25 16.04 -1.64
CA THR A 16 -13.27 14.85 -0.80
C THR A 16 -12.09 13.99 -1.20
N VAL A 17 -11.69 13.13 -0.27
CA VAL A 17 -10.58 12.20 -0.47
C VAL A 17 -11.09 10.78 -0.25
N ASP A 18 -10.99 9.93 -1.27
CA ASP A 18 -11.33 8.51 -1.18
C ASP A 18 -12.78 8.31 -0.73
N ALA A 19 -13.70 9.08 -1.33
CA ALA A 19 -15.11 9.10 -0.94
C ALA A 19 -15.98 8.81 -2.16
N PHE A 20 -15.96 7.56 -2.62
CA PHE A 20 -16.69 7.18 -3.83
C PHE A 20 -17.85 6.24 -3.57
N GLN A 21 -18.10 5.85 -2.32
CA GLN A 21 -19.15 4.89 -2.00
C GLN A 21 -20.36 5.55 -1.35
N TYR A 22 -20.49 6.87 -1.46
CA TYR A 22 -21.53 7.61 -0.74
C TYR A 22 -22.48 8.31 -1.70
N GLY A 23 -22.53 7.87 -2.95
CA GLY A 23 -23.32 8.57 -3.95
C GLY A 23 -22.74 9.95 -4.22
N VAL A 24 -23.63 10.88 -4.58
CA VAL A 24 -23.23 12.26 -4.82
C VAL A 24 -23.03 12.93 -3.47
N VAL A 25 -21.78 13.27 -3.13
CA VAL A 25 -21.50 14.01 -1.92
C VAL A 25 -21.87 15.47 -2.17
N GLU A 26 -22.76 16.01 -1.34
CA GLU A 26 -23.26 17.36 -1.54
C GLU A 26 -22.14 18.37 -1.38
N GLY A 27 -21.94 19.20 -2.40
CA GLY A 27 -20.93 20.24 -2.36
C GLY A 27 -19.57 19.83 -2.88
N CYS A 28 -19.37 18.56 -3.21
CA CYS A 28 -18.06 18.10 -3.66
C CYS A 28 -17.89 18.37 -5.14
N THR A 29 -16.92 19.22 -5.47
CA THR A 29 -16.64 19.56 -6.86
C THR A 29 -15.46 18.77 -7.43
N ALA A 30 -14.68 18.09 -6.60
CA ALA A 30 -13.61 17.24 -7.09
C ALA A 30 -13.39 16.11 -6.10
N TYR A 31 -13.27 14.89 -6.64
CA TYR A 31 -13.06 13.67 -5.87
C TYR A 31 -11.61 13.23 -6.05
N PHE A 32 -10.82 13.29 -4.97
CA PHE A 32 -9.45 12.80 -5.02
C PHE A 32 -9.43 11.32 -4.65
N LEU A 33 -8.60 10.55 -5.36
CA LEU A 33 -8.34 9.14 -5.03
C LEU A 33 -6.85 8.97 -4.74
N THR A 34 -6.52 8.63 -3.49
CA THR A 34 -5.12 8.56 -3.11
C THR A 34 -4.41 7.35 -3.72
N HIS A 35 -5.11 6.21 -3.86
CA HIS A 35 -4.48 5.03 -4.44
C HIS A 35 -5.53 3.98 -4.78
N PHE A 36 -5.11 3.00 -5.58
CA PHE A 36 -6.00 1.98 -6.12
C PHE A 36 -6.06 0.77 -5.19
N HIS A 37 -6.68 0.97 -4.03
CA HIS A 37 -7.00 -0.13 -3.11
C HIS A 37 -8.50 -0.10 -2.88
N SER A 38 -9.10 -1.30 -2.75
CA SER A 38 -10.56 -1.42 -2.85
C SER A 38 -11.28 -0.57 -1.82
N ASP A 39 -10.78 -0.51 -0.58
CA ASP A 39 -11.46 0.26 0.45
C ASP A 39 -11.50 1.74 0.13
N HIS A 40 -10.61 2.20 -0.74
CA HIS A 40 -10.53 3.62 -1.08
C HIS A 40 -11.25 3.97 -2.37
N TYR A 41 -11.23 3.11 -3.38
CA TYR A 41 -11.93 3.41 -4.62
C TYR A 41 -13.35 2.86 -4.65
N ALA A 42 -13.77 2.12 -3.63
CA ALA A 42 -15.10 1.52 -3.54
C ALA A 42 -16.18 2.48 -4.00
N GLY A 43 -16.91 2.08 -5.06
CA GLY A 43 -17.96 2.88 -5.64
C GLY A 43 -17.64 3.36 -7.05
N LEU A 44 -16.36 3.49 -7.38
CA LEU A 44 -15.99 3.95 -8.71
C LEU A 44 -16.30 2.88 -9.76
N SER A 45 -16.80 3.33 -10.90
CA SER A 45 -17.14 2.44 -12.01
C SER A 45 -17.21 3.26 -13.29
N LYS A 46 -17.47 2.56 -14.40
CA LYS A 46 -17.65 3.21 -15.68
C LYS A 46 -18.83 4.18 -15.69
N HIS A 47 -19.65 4.20 -14.64
CA HIS A 47 -20.81 5.07 -14.58
C HIS A 47 -20.60 6.28 -13.69
N PHE A 48 -19.38 6.47 -13.19
CA PHE A 48 -19.06 7.68 -12.44
C PHE A 48 -18.89 8.83 -13.41
N THR A 49 -19.49 9.99 -13.09
CA THR A 49 -19.50 11.14 -13.98
C THR A 49 -19.11 12.42 -13.26
N PHE A 50 -18.14 12.35 -12.36
CA PHE A 50 -17.54 13.51 -11.73
C PHE A 50 -16.03 13.45 -11.87
N PRO A 51 -15.34 14.59 -11.81
CA PRO A 51 -13.89 14.57 -12.02
C PRO A 51 -13.17 13.84 -10.89
N VAL A 52 -12.26 12.95 -11.28
CA VAL A 52 -11.43 12.20 -10.34
C VAL A 52 -9.98 12.66 -10.49
N TYR A 53 -9.39 13.07 -9.39
CA TYR A 53 -8.01 13.53 -9.38
C TYR A 53 -7.15 12.50 -8.67
N CYS A 54 -6.04 12.12 -9.30
CA CYS A 54 -5.25 10.99 -8.84
C CYS A 54 -3.90 11.03 -9.54
N SER A 55 -3.03 10.10 -9.18
CA SER A 55 -1.77 9.96 -9.88
C SER A 55 -2.00 9.34 -11.25
N GLU A 56 -0.97 9.42 -12.09
N GLU A 56 -0.96 9.41 -12.09
CA GLU A 56 -1.05 8.82 -13.42
CA GLU A 56 -1.03 8.83 -13.42
C GLU A 56 -1.25 7.31 -13.33
C GLU A 56 -1.23 7.32 -13.35
N ILE A 57 -0.51 6.65 -12.44
CA ILE A 57 -0.65 5.20 -12.29
C ILE A 57 -2.05 4.84 -11.82
N THR A 58 -2.58 5.59 -10.83
CA THR A 58 -3.94 5.32 -10.39
C THR A 58 -4.94 5.55 -11.52
N GLY A 59 -4.68 6.56 -12.35
CA GLY A 59 -5.52 6.80 -13.51
C GLY A 59 -5.46 5.66 -14.52
N ASN A 60 -4.26 5.09 -14.72
CA ASN A 60 -4.14 3.91 -15.58
C ASN A 60 -5.04 2.79 -15.10
N LEU A 61 -5.06 2.55 -13.79
CA LEU A 61 -5.87 1.48 -13.23
C LEU A 61 -7.35 1.82 -13.32
N LEU A 62 -7.73 3.08 -13.05
CA LEU A 62 -9.13 3.47 -13.20
C LEU A 62 -9.62 3.21 -14.61
N LYS A 63 -8.79 3.54 -15.60
CA LYS A 63 -9.20 3.39 -16.99
C LYS A 63 -9.25 1.93 -17.40
N ASN A 64 -8.22 1.16 -17.04
CA ASN A 64 -8.08 -0.19 -17.57
C ASN A 64 -8.77 -1.25 -16.70
N LYS A 65 -8.85 -1.05 -15.39
CA LYS A 65 -9.45 -2.06 -14.52
C LYS A 65 -10.89 -1.75 -14.13
N LEU A 66 -11.24 -0.49 -13.88
CA LEU A 66 -12.61 -0.13 -13.54
C LEU A 66 -13.39 0.46 -14.70
N HIS A 67 -12.72 0.76 -15.82
CA HIS A 67 -13.37 1.27 -17.02
C HIS A 67 -14.01 2.64 -16.78
N VAL A 68 -13.46 3.40 -15.83
CA VAL A 68 -13.86 4.78 -15.69
C VAL A 68 -13.59 5.52 -17.00
N GLN A 69 -14.52 6.36 -17.41
CA GLN A 69 -14.39 7.08 -18.67
C GLN A 69 -13.26 8.11 -18.58
N GLU A 70 -12.49 8.19 -19.67
CA GLU A 70 -11.28 9.01 -19.70
C GLU A 70 -11.56 10.47 -19.41
N GLN A 71 -12.74 10.96 -19.83
CA GLN A 71 -13.08 12.37 -19.63
C GLN A 71 -13.13 12.77 -18.16
N TYR A 72 -13.30 11.81 -17.26
CA TYR A 72 -13.40 12.11 -15.85
C TYR A 72 -12.13 11.80 -15.06
N ILE A 73 -11.10 11.28 -15.72
CA ILE A 73 -9.84 10.97 -15.07
C ILE A 73 -8.89 12.14 -15.25
N HIS A 74 -8.44 12.72 -14.13
CA HIS A 74 -7.53 13.86 -14.15
C HIS A 74 -6.24 13.47 -13.47
N PRO A 75 -5.30 12.86 -14.20
CA PRO A 75 -4.02 12.49 -13.59
C PRO A 75 -3.16 13.71 -13.35
N LEU A 76 -2.51 13.75 -12.19
CA LEU A 76 -1.64 14.85 -11.84
C LEU A 76 -0.22 14.34 -11.61
N PRO A 77 0.79 15.06 -12.09
CA PRO A 77 2.17 14.65 -11.84
C PRO A 77 2.53 14.85 -10.38
N LEU A 78 3.44 14.02 -9.90
CA LEU A 78 3.95 14.17 -8.54
C LEU A 78 4.84 15.40 -8.42
N ASP A 79 4.97 15.89 -7.18
CA ASP A 79 5.94 16.92 -6.80
C ASP A 79 5.75 18.22 -7.57
N THR A 80 4.55 18.45 -8.08
CA THR A 80 4.27 19.57 -8.98
C THR A 80 3.10 20.37 -8.43
N GLU A 81 3.27 21.68 -8.35
CA GLU A 81 2.19 22.55 -7.92
C GLU A 81 1.13 22.61 -9.01
N CYS A 82 -0.09 22.22 -8.66
CA CYS A 82 -1.22 22.20 -9.60
C CYS A 82 -2.37 22.96 -8.98
N ILE A 83 -3.21 23.54 -9.84
CA ILE A 83 -4.40 24.24 -9.37
C ILE A 83 -5.60 23.39 -9.73
N VAL A 84 -6.37 23.01 -8.71
CA VAL A 84 -7.62 22.26 -8.88
C VAL A 84 -8.75 23.11 -8.31
N ASN A 85 -9.68 23.52 -9.17
CA ASN A 85 -10.84 24.31 -8.75
C ASN A 85 -10.43 25.47 -7.83
N GLY A 86 -9.38 26.18 -8.23
CA GLY A 86 -8.95 27.36 -7.52
C GLY A 86 -8.12 27.13 -6.27
N VAL A 87 -7.67 25.90 -6.03
CA VAL A 87 -6.89 25.55 -4.84
C VAL A 87 -5.59 24.90 -5.28
N LYS A 88 -4.48 25.39 -4.74
CA LYS A 88 -3.18 24.80 -5.06
C LYS A 88 -3.01 23.48 -4.31
N VAL A 89 -2.64 22.43 -5.05
CA VAL A 89 -2.38 21.12 -4.46
C VAL A 89 -1.07 20.56 -5.00
N VAL A 90 -0.47 19.65 -4.22
CA VAL A 90 0.73 18.92 -4.61
C VAL A 90 0.52 17.46 -4.23
N LEU A 91 0.86 16.55 -5.13
CA LEU A 91 0.84 15.12 -4.86
C LEU A 91 2.26 14.65 -4.57
N LEU A 92 2.43 13.90 -3.50
CA LEU A 92 3.72 13.34 -3.10
C LEU A 92 3.61 11.83 -3.02
N ASP A 93 4.71 11.13 -3.35
CA ASP A 93 4.73 9.69 -3.19
C ASP A 93 4.47 9.31 -1.74
N ALA A 94 3.53 8.37 -1.54
CA ALA A 94 3.14 7.94 -0.22
C ALA A 94 3.95 6.75 0.30
N ASN A 95 4.84 6.17 -0.50
CA ASN A 95 5.60 5.00 -0.10
C ASN A 95 4.65 3.89 0.39
N HIS A 96 3.59 3.70 -0.39
CA HIS A 96 2.59 2.70 -0.07
C HIS A 96 2.63 1.67 -1.19
N CYS A 97 1.65 1.67 -2.08
CA CYS A 97 1.62 0.85 -3.27
C CYS A 97 1.84 1.72 -4.51
N PRO A 98 2.06 1.12 -5.68
CA PRO A 98 2.26 1.94 -6.89
C PRO A 98 1.13 2.91 -7.12
N GLY A 99 1.51 4.15 -7.46
CA GLY A 99 0.55 5.20 -7.72
C GLY A 99 -0.02 5.86 -6.49
N ALA A 100 0.30 5.38 -5.30
CA ALA A 100 -0.27 5.94 -4.08
C ALA A 100 0.36 7.28 -3.74
N VAL A 101 -0.48 8.24 -3.33
CA VAL A 101 -0.01 9.60 -3.08
C VAL A 101 -0.54 10.12 -1.74
N MET A 102 0.24 11.03 -1.16
CA MET A 102 -0.23 11.98 -0.16
C MET A 102 -0.58 13.27 -0.89
N ILE A 103 -1.53 14.04 -0.35
CA ILE A 103 -1.96 15.29 -0.98
C ILE A 103 -1.70 16.45 -0.04
N LEU A 104 -0.98 17.45 -0.53
CA LEU A 104 -0.85 18.74 0.16
C LEU A 104 -1.90 19.69 -0.39
N PHE A 105 -2.75 20.23 0.49
CA PHE A 105 -3.71 21.26 0.12
C PHE A 105 -3.27 22.58 0.69
N TYR A 106 -3.14 23.60 -0.16
CA TYR A 106 -2.83 24.95 0.28
C TYR A 106 -4.15 25.70 0.30
N LEU A 107 -4.74 25.84 1.49
CA LEU A 107 -6.09 26.40 1.58
C LEU A 107 -6.06 27.90 1.33
N PRO A 108 -7.16 28.45 0.82
CA PRO A 108 -7.18 29.91 0.55
C PRO A 108 -6.93 30.76 1.79
N ASN A 109 -7.28 30.28 2.98
CA ASN A 109 -7.07 31.06 4.20
C ASN A 109 -5.62 31.01 4.70
N GLY A 110 -4.70 30.38 3.95
CA GLY A 110 -3.32 30.27 4.39
C GLY A 110 -3.00 28.99 5.15
N THR A 111 -4.01 28.21 5.51
CA THR A 111 -3.80 26.90 6.13
C THR A 111 -3.18 25.93 5.12
N VAL A 112 -2.36 25.02 5.60
CA VAL A 112 -1.85 23.93 4.78
C VAL A 112 -2.28 22.61 5.42
N ILE A 113 -2.85 21.72 4.61
CA ILE A 113 -3.31 20.41 5.07
C ILE A 113 -2.54 19.34 4.32
N LEU A 114 -2.06 18.34 5.06
CA LEU A 114 -1.47 17.14 4.47
C LEU A 114 -2.42 15.98 4.70
N HIS A 115 -2.83 15.32 3.62
CA HIS A 115 -3.60 14.08 3.73
C HIS A 115 -2.67 12.96 3.28
N THR A 116 -2.35 12.04 4.19
CA THR A 116 -1.33 11.04 3.86
C THR A 116 -1.87 9.92 2.98
N GLY A 117 -3.17 9.89 2.71
CA GLY A 117 -3.73 8.66 2.16
C GLY A 117 -3.30 7.50 3.03
N ASP A 118 -3.01 6.36 2.40
CA ASP A 118 -2.23 5.32 3.06
C ASP A 118 -0.76 5.58 2.79
N PHE A 119 0.07 5.48 3.84
CA PHE A 119 1.49 5.71 3.62
C PHE A 119 2.32 4.88 4.59
N ARG A 120 3.59 4.68 4.22
CA ARG A 120 4.57 4.17 5.17
C ARG A 120 5.58 5.29 5.37
N ALA A 121 5.44 5.99 6.49
CA ALA A 121 6.32 7.11 6.80
C ALA A 121 7.78 6.71 6.67
N ASP A 122 8.59 7.63 6.14
CA ASP A 122 10.01 7.40 5.94
C ASP A 122 10.74 8.71 6.18
N PRO A 123 11.93 8.67 6.79
CA PRO A 123 12.70 9.92 6.99
C PRO A 123 12.92 10.70 5.70
N SER A 124 12.90 10.03 4.54
CA SER A 124 13.08 10.76 3.29
C SER A 124 11.99 11.82 3.10
N MET A 125 10.79 11.58 3.63
CA MET A 125 9.74 12.58 3.52
C MET A 125 10.08 13.87 4.24
N GLU A 126 10.98 13.83 5.23
CA GLU A 126 11.32 15.03 6.01
C GLU A 126 12.25 15.95 5.24
N ARG A 127 12.89 15.46 4.18
CA ARG A 127 13.81 16.24 3.38
C ARG A 127 13.24 16.50 2.00
N SER A 128 11.93 16.37 1.85
CA SER A 128 11.18 16.58 0.62
C SER A 128 10.57 17.98 0.66
N LEU A 129 9.75 18.29 -0.34
CA LEU A 129 9.12 19.60 -0.33
C LEU A 129 8.12 19.76 0.81
N LEU A 130 7.78 18.67 1.51
CA LEU A 130 6.99 18.80 2.73
C LEU A 130 7.65 19.74 3.73
N ALA A 131 8.98 19.86 3.69
CA ALA A 131 9.74 20.65 4.65
C ALA A 131 9.74 22.14 4.33
N ASP A 132 9.14 22.55 3.22
CA ASP A 132 9.28 23.92 2.74
C ASP A 132 8.12 24.83 3.15
N GLN A 133 7.15 24.31 3.88
CA GLN A 133 6.07 25.13 4.43
C GLN A 133 5.51 24.44 5.67
N LYS A 134 4.96 25.27 6.57
CA LYS A 134 4.30 24.73 7.75
C LYS A 134 3.05 23.98 7.33
N VAL A 135 2.83 22.82 7.93
CA VAL A 135 1.61 22.06 7.77
C VAL A 135 0.81 22.17 9.06
N HIS A 136 -0.45 22.59 8.94
CA HIS A 136 -1.27 22.86 10.10
C HIS A 136 -2.12 21.67 10.52
N MET A 137 -2.70 20.96 9.56
CA MET A 137 -3.61 19.87 9.84
C MET A 137 -3.14 18.64 9.09
N LEU A 138 -3.21 17.49 9.75
CA LEU A 138 -2.72 16.23 9.20
C LEU A 138 -3.83 15.20 9.23
N TYR A 139 -4.23 14.71 8.06
CA TYR A 139 -5.14 13.58 7.93
C TYR A 139 -4.30 12.32 7.82
N LEU A 140 -4.27 11.51 8.88
CA LEU A 140 -3.19 10.55 9.13
C LEU A 140 -3.66 9.10 8.97
N ASP A 141 -2.89 8.33 8.19
CA ASP A 141 -3.04 6.87 8.13
C ASP A 141 -2.55 6.28 9.44
N THR A 142 -3.50 5.93 10.31
CA THR A 142 -3.22 5.43 11.64
C THR A 142 -3.36 3.91 11.74
N THR A 143 -3.16 3.21 10.63
CA THR A 143 -3.36 1.76 10.60
C THR A 143 -2.70 1.06 11.80
N TYR A 144 -1.43 1.37 12.06
CA TYR A 144 -0.67 0.70 13.12
C TYR A 144 -0.26 1.65 14.25
N CYS A 145 -1.20 2.44 14.76
CA CYS A 145 -0.90 3.44 15.78
C CYS A 145 -0.96 2.83 17.18
N SER A 146 -0.03 1.89 17.42
CA SER A 146 0.11 1.29 18.74
C SER A 146 1.51 0.72 18.80
N PRO A 147 2.21 0.81 19.95
CA PRO A 147 3.64 0.43 19.98
C PRO A 147 3.90 -1.04 19.72
N GLU A 148 2.91 -1.93 19.87
CA GLU A 148 3.21 -3.32 19.57
C GLU A 148 3.39 -3.58 18.08
N TYR A 149 3.05 -2.61 17.23
CA TYR A 149 3.23 -2.77 15.78
C TYR A 149 4.66 -2.38 15.45
N THR A 150 5.52 -3.38 15.45
CA THR A 150 6.91 -3.27 15.08
C THR A 150 7.15 -4.27 13.97
N PHE A 151 7.86 -3.85 12.94
CA PHE A 151 8.30 -4.79 11.92
C PHE A 151 9.54 -4.22 11.26
N PRO A 152 10.31 -5.06 10.57
CA PRO A 152 11.58 -4.60 9.99
C PRO A 152 11.34 -3.67 8.82
N SER A 153 12.43 -3.06 8.36
CA SER A 153 12.41 -2.35 7.10
C SER A 153 12.04 -3.31 5.97
N GLN A 154 11.47 -2.76 4.90
CA GLN A 154 11.20 -3.59 3.73
C GLN A 154 12.48 -4.23 3.21
N GLN A 155 13.61 -3.52 3.33
CA GLN A 155 14.89 -4.05 2.86
C GLN A 155 15.27 -5.31 3.61
N GLU A 156 15.12 -5.31 4.93
CA GLU A 156 15.44 -6.52 5.70
C GLU A 156 14.53 -7.68 5.31
N VAL A 157 13.25 -7.40 5.09
CA VAL A 157 12.30 -8.46 4.75
C VAL A 157 12.60 -9.02 3.37
N ILE A 158 12.92 -8.14 2.41
CA ILE A 158 13.26 -8.61 1.07
C ILE A 158 14.55 -9.42 1.07
N ARG A 159 15.55 -8.97 1.84
CA ARG A 159 16.75 -9.75 2.04
C ARG A 159 16.43 -11.15 2.53
N PHE A 160 15.58 -11.25 3.56
CA PHE A 160 15.17 -12.56 4.06
C PHE A 160 14.54 -13.39 2.95
N ALA A 161 13.60 -12.80 2.21
CA ALA A 161 12.86 -13.57 1.21
C ALA A 161 13.77 -14.03 0.07
N ILE A 162 14.62 -13.12 -0.44
CA ILE A 162 15.56 -13.46 -1.50
C ILE A 162 16.50 -14.57 -1.05
N ASN A 163 17.10 -14.42 0.13
CA ASN A 163 18.06 -15.42 0.60
C ASN A 163 17.37 -16.76 0.85
N THR A 164 16.15 -16.72 1.38
CA THR A 164 15.41 -17.96 1.63
C THR A 164 15.06 -18.66 0.33
N ALA A 165 14.56 -17.92 -0.65
CA ALA A 165 14.15 -18.53 -1.90
C ALA A 165 15.36 -19.00 -2.71
N PHE A 166 16.43 -18.21 -2.76
CA PHE A 166 17.60 -18.62 -3.53
C PHE A 166 18.21 -19.90 -2.97
N GLU A 167 18.38 -19.96 -1.65
CA GLU A 167 18.94 -21.15 -1.03
C GLU A 167 18.07 -22.38 -1.30
N ALA A 168 16.75 -22.22 -1.19
CA ALA A 168 15.87 -23.37 -1.36
C ALA A 168 15.91 -23.89 -2.79
N VAL A 169 15.87 -22.99 -3.77
CA VAL A 169 15.86 -23.41 -5.17
C VAL A 169 17.24 -23.87 -5.60
N THR A 170 18.31 -23.33 -5.01
CA THR A 170 19.63 -23.82 -5.38
C THR A 170 19.88 -25.21 -4.79
N LEU A 171 19.40 -25.46 -3.57
CA LEU A 171 19.47 -26.81 -3.03
C LEU A 171 18.57 -27.77 -3.80
N ASN A 172 17.37 -27.34 -4.17
CA ASN A 172 16.40 -28.17 -4.87
C ASN A 172 15.91 -27.44 -6.11
N PRO A 173 16.56 -27.66 -7.26
CA PRO A 173 16.12 -26.98 -8.49
C PRO A 173 14.71 -27.35 -8.94
N HIS A 174 14.08 -28.32 -8.30
CA HIS A 174 12.70 -28.67 -8.59
C HIS A 174 11.70 -27.95 -7.70
N ALA A 175 12.17 -27.05 -6.84
CA ALA A 175 11.28 -26.27 -5.98
C ALA A 175 10.58 -25.18 -6.79
N LEU A 176 9.42 -24.77 -6.29
CA LEU A 176 8.63 -23.66 -6.83
C LEU A 176 8.37 -22.65 -5.73
N VAL A 177 8.50 -21.36 -6.07
CA VAL A 177 8.19 -20.28 -5.15
C VAL A 177 6.82 -19.74 -5.53
N VAL A 178 5.97 -19.56 -4.53
CA VAL A 178 4.64 -18.98 -4.71
C VAL A 178 4.54 -17.75 -3.81
N CYS A 179 4.03 -16.65 -4.36
CA CYS A 179 3.70 -15.47 -3.57
C CYS A 179 2.21 -15.19 -3.69
N GLY A 180 1.58 -14.84 -2.58
CA GLY A 180 0.17 -14.53 -2.60
C GLY A 180 -0.07 -13.03 -2.79
N THR A 181 -1.19 -12.71 -3.42
CA THR A 181 -1.55 -11.32 -3.69
C THR A 181 -3.06 -11.20 -3.78
N TYR A 182 -3.57 -10.01 -3.42
CA TYR A 182 -4.99 -9.74 -3.58
C TYR A 182 -5.27 -8.32 -4.04
N SER A 183 -4.24 -7.56 -4.39
CA SER A 183 -4.35 -6.15 -4.74
C SER A 183 -3.01 -5.75 -5.35
N ILE A 184 -2.87 -4.46 -5.65
CA ILE A 184 -1.54 -3.97 -6.02
C ILE A 184 -0.78 -3.71 -4.73
N GLY A 185 0.53 -3.55 -4.84
CA GLY A 185 1.37 -3.39 -3.69
C GLY A 185 2.21 -4.63 -3.42
N LYS A 186 3.35 -4.41 -2.75
CA LYS A 186 4.26 -5.49 -2.35
C LYS A 186 4.81 -6.25 -3.55
N GLU A 187 4.84 -5.61 -4.73
CA GLU A 187 5.43 -6.23 -5.91
C GLU A 187 6.90 -6.52 -5.70
N LYS A 188 7.58 -5.74 -4.87
CA LYS A 188 9.00 -5.96 -4.64
C LYS A 188 9.29 -7.39 -4.17
N VAL A 189 8.36 -8.00 -3.42
CA VAL A 189 8.61 -9.35 -2.91
C VAL A 189 8.78 -10.34 -4.06
N PHE A 190 7.79 -10.43 -4.94
CA PHE A 190 7.94 -11.44 -5.98
C PHE A 190 8.90 -11.00 -7.07
N LEU A 191 9.02 -9.70 -7.34
CA LEU A 191 9.98 -9.28 -8.36
C LEU A 191 11.41 -9.53 -7.91
N ALA A 192 11.72 -9.26 -6.63
CA ALA A 192 13.08 -9.47 -6.15
C ALA A 192 13.44 -10.94 -6.13
N ILE A 193 12.49 -11.80 -5.75
CA ILE A 193 12.75 -13.24 -5.74
C ILE A 193 12.98 -13.75 -7.15
N ALA A 194 12.12 -13.35 -8.10
CA ALA A 194 12.30 -13.79 -9.48
C ALA A 194 13.60 -13.26 -10.06
N ASP A 195 14.02 -12.06 -9.65
CA ASP A 195 15.28 -11.51 -10.14
C ASP A 195 16.46 -12.37 -9.72
N VAL A 196 16.52 -12.74 -8.45
CA VAL A 196 17.65 -13.53 -7.96
C VAL A 196 17.62 -14.95 -8.50
N LEU A 197 16.47 -15.43 -8.95
CA LEU A 197 16.35 -16.77 -9.51
C LEU A 197 16.47 -16.79 -11.03
N GLY A 198 16.67 -15.64 -11.67
CA GLY A 198 16.73 -15.62 -13.12
C GLY A 198 15.45 -16.06 -13.77
N SER A 199 14.31 -15.80 -13.13
CA SER A 199 13.02 -16.28 -13.57
C SER A 199 12.09 -15.10 -13.83
N LYS A 200 11.07 -15.36 -14.64
CA LYS A 200 9.93 -14.46 -14.68
C LYS A 200 8.90 -14.90 -13.65
N VAL A 201 7.95 -14.02 -13.38
CA VAL A 201 6.86 -14.31 -12.46
C VAL A 201 5.65 -14.71 -13.27
N GLY A 202 5.16 -15.93 -13.07
CA GLY A 202 3.95 -16.39 -13.74
C GLY A 202 2.71 -15.98 -12.95
N MET A 203 1.66 -15.60 -13.67
CA MET A 203 0.45 -15.07 -13.03
C MET A 203 -0.73 -15.17 -13.98
N SER A 204 -1.91 -14.92 -13.44
CA SER A 204 -3.13 -14.91 -14.22
C SER A 204 -3.13 -13.73 -15.19
N GLN A 205 -3.99 -13.83 -16.21
CA GLN A 205 -4.10 -12.72 -17.15
C GLN A 205 -4.59 -11.45 -16.46
N GLU A 206 -5.53 -11.58 -15.52
CA GLU A 206 -6.03 -10.41 -14.80
C GLU A 206 -4.92 -9.73 -14.00
N LYS A 207 -4.10 -10.51 -13.28
CA LYS A 207 -3.01 -9.90 -12.53
C LYS A 207 -1.97 -9.31 -13.46
N TYR A 208 -1.71 -9.98 -14.59
CA TYR A 208 -0.76 -9.46 -15.57
C TYR A 208 -1.20 -8.09 -16.08
N LYS A 209 -2.48 -7.96 -16.41
CA LYS A 209 -3.04 -6.69 -16.84
C LYS A 209 -2.83 -5.61 -15.79
N THR A 210 -3.10 -5.96 -14.54
CA THR A 210 -2.93 -4.99 -13.44
C THR A 210 -1.49 -4.49 -13.39
N LEU A 211 -0.52 -5.41 -13.36
CA LEU A 211 0.87 -4.98 -13.29
C LEU A 211 1.28 -4.15 -14.50
N GLN A 212 0.68 -4.42 -15.66
CA GLN A 212 0.99 -3.62 -16.84
C GLN A 212 0.58 -2.16 -16.70
N CYS A 213 -0.24 -1.82 -15.71
CA CYS A 213 -0.70 -0.45 -15.52
C CYS A 213 0.21 0.37 -14.62
N LEU A 214 1.27 -0.20 -14.06
CA LEU A 214 1.98 0.40 -12.93
C LEU A 214 3.27 1.10 -13.31
N ASN A 215 3.58 1.24 -14.61
CA ASN A 215 4.79 1.93 -15.07
C ASN A 215 6.04 1.42 -14.37
N ILE A 216 6.17 0.11 -14.23
CA ILE A 216 7.34 -0.51 -13.62
C ILE A 216 8.39 -0.71 -14.71
N PRO A 217 9.59 -0.16 -14.56
CA PRO A 217 10.61 -0.29 -15.62
C PRO A 217 10.97 -1.74 -15.87
N GLU A 218 11.09 -2.08 -17.16
CA GLU A 218 11.56 -3.39 -17.60
C GLU A 218 10.67 -4.52 -17.10
N ILE A 219 9.38 -4.25 -16.88
CA ILE A 219 8.55 -5.28 -16.26
C ILE A 219 8.12 -6.34 -17.27
N ASN A 220 8.13 -6.04 -18.57
CA ASN A 220 7.91 -7.08 -19.56
C ASN A 220 8.95 -8.18 -19.45
N SER A 221 10.15 -7.83 -18.96
CA SER A 221 11.21 -8.81 -18.76
C SER A 221 11.05 -9.58 -17.45
N LEU A 222 10.05 -9.27 -16.64
CA LEU A 222 9.93 -9.83 -15.30
C LEU A 222 8.64 -10.60 -15.05
N ILE A 223 7.63 -10.47 -15.91
CA ILE A 223 6.34 -11.10 -15.65
C ILE A 223 5.86 -11.80 -16.92
N THR A 224 5.02 -12.82 -16.73
CA THR A 224 4.51 -13.61 -17.83
C THR A 224 3.18 -14.24 -17.44
N THR A 225 2.36 -14.52 -18.46
CA THR A 225 1.18 -15.36 -18.29
C THR A 225 1.48 -16.83 -18.55
N ASP A 226 2.71 -17.17 -18.94
CA ASP A 226 3.14 -18.55 -19.14
C ASP A 226 3.63 -19.05 -17.79
N MET A 227 2.73 -19.69 -17.03
CA MET A 227 3.03 -19.98 -15.64
C MET A 227 4.05 -21.11 -15.49
N CYS A 228 3.87 -22.21 -16.22
CA CYS A 228 4.76 -23.35 -16.05
C CYS A 228 6.19 -23.05 -16.52
N SER A 229 6.42 -21.95 -17.21
CA SER A 229 7.75 -21.57 -17.65
C SER A 229 8.50 -20.74 -16.62
N SER A 230 8.01 -20.66 -15.38
CA SER A 230 8.60 -19.78 -14.38
C SER A 230 8.75 -20.51 -13.05
N LEU A 231 9.72 -20.05 -12.25
CA LEU A 231 10.01 -20.59 -10.93
C LEU A 231 9.29 -19.84 -9.83
N VAL A 232 8.59 -18.76 -10.16
CA VAL A 232 7.85 -17.95 -9.20
C VAL A 232 6.45 -17.76 -9.74
N HIS A 233 5.45 -18.17 -8.97
CA HIS A 233 4.05 -18.03 -9.36
C HIS A 233 3.35 -17.11 -8.37
N LEU A 234 2.49 -16.24 -8.90
CA LEU A 234 1.58 -15.44 -8.07
C LEU A 234 0.24 -16.15 -8.01
N LEU A 235 -0.30 -16.29 -6.82
CA LEU A 235 -1.61 -16.87 -6.62
C LEU A 235 -2.45 -15.91 -5.80
N PRO A 236 -3.78 -15.98 -5.91
CA PRO A 236 -4.63 -15.24 -5.00
C PRO A 236 -4.31 -15.61 -3.55
N MET A 237 -4.30 -14.60 -2.69
CA MET A 237 -3.91 -14.81 -1.30
C MET A 237 -4.74 -15.89 -0.63
N MET A 238 -6.02 -16.02 -1.01
CA MET A 238 -6.89 -17.01 -0.39
C MET A 238 -6.46 -18.43 -0.70
N GLN A 239 -5.55 -18.64 -1.67
CA GLN A 239 -5.04 -19.96 -1.96
C GLN A 239 -3.74 -20.27 -1.21
N ILE A 240 -3.24 -19.35 -0.41
CA ILE A 240 -1.95 -19.58 0.29
C ILE A 240 -2.29 -20.30 1.60
N ASN A 241 -2.49 -21.61 1.48
CA ASN A 241 -2.77 -22.51 2.57
C ASN A 241 -2.41 -23.90 2.07
N PHE A 242 -2.30 -24.85 3.00
CA PHE A 242 -1.76 -26.15 2.63
C PHE A 242 -2.60 -26.81 1.53
N LYS A 243 -3.94 -26.73 1.64
CA LYS A 243 -4.80 -27.35 0.64
C LYS A 243 -4.67 -26.64 -0.70
N GLY A 244 -4.69 -25.31 -0.70
CA GLY A 244 -4.57 -24.58 -1.96
C GLY A 244 -3.22 -24.78 -2.63
N LEU A 245 -2.16 -24.90 -1.83
CA LEU A 245 -0.83 -25.11 -2.42
C LEU A 245 -0.63 -26.55 -2.85
N GLN A 246 -1.18 -27.50 -2.10
CA GLN A 246 -1.17 -28.91 -2.54
C GLN A 246 -1.84 -29.06 -3.91
N SER A 247 -2.99 -28.40 -4.08
CA SER A 247 -3.69 -28.47 -5.35
C SER A 247 -2.87 -27.83 -6.47
N HIS A 248 -2.21 -26.71 -6.17
CA HIS A 248 -1.38 -26.05 -7.18
C HIS A 248 -0.18 -26.91 -7.57
N LEU A 249 0.40 -27.61 -6.60
CA LEU A 249 1.55 -28.47 -6.89
C LEU A 249 1.19 -29.56 -7.88
N LYS A 250 -0.06 -30.02 -7.88
CA LYS A 250 -0.52 -31.01 -8.86
C LYS A 250 -0.62 -30.44 -10.27
N LYS A 251 -0.35 -29.16 -10.47
CA LYS A 251 -0.45 -28.53 -11.78
C LYS A 251 0.90 -28.54 -12.49
N CYS A 252 0.91 -28.06 -13.74
CA CYS A 252 2.11 -27.98 -14.56
C CYS A 252 2.80 -29.35 -14.69
N GLY A 253 1.99 -30.38 -14.91
CA GLY A 253 2.53 -31.72 -15.07
C GLY A 253 3.33 -32.22 -13.89
N GLY A 254 3.09 -31.68 -12.70
CA GLY A 254 3.85 -32.11 -11.53
C GLY A 254 5.33 -31.95 -11.68
N LYS A 255 5.77 -30.91 -12.39
CA LYS A 255 7.20 -30.68 -12.61
C LYS A 255 7.90 -30.10 -11.39
N TYR A 256 7.17 -29.80 -10.32
CA TYR A 256 7.75 -29.33 -9.08
C TYR A 256 7.45 -30.33 -7.97
N ASN A 257 8.39 -30.44 -7.01
CA ASN A 257 8.19 -31.34 -5.87
C ASN A 257 8.29 -30.63 -4.53
N GLN A 258 8.23 -29.29 -4.54
CA GLN A 258 8.34 -28.51 -3.32
C GLN A 258 7.78 -27.14 -3.61
N ILE A 259 7.08 -26.56 -2.65
CA ILE A 259 6.64 -25.18 -2.73
C ILE A 259 7.12 -24.44 -1.49
N LEU A 260 7.76 -23.30 -1.71
CA LEU A 260 7.96 -22.30 -0.66
C LEU A 260 7.03 -21.15 -1.01
N ALA A 261 6.13 -20.82 -0.10
CA ALA A 261 5.15 -19.77 -0.32
C ALA A 261 5.41 -18.63 0.65
N PHE A 262 5.15 -17.41 0.19
CA PHE A 262 5.33 -16.23 1.00
C PHE A 262 3.98 -15.53 1.15
N ARG A 263 3.62 -15.20 2.39
CA ARG A 263 2.39 -14.49 2.72
C ARG A 263 2.74 -13.32 3.64
N PRO A 264 2.33 -12.09 3.32
CA PRO A 264 2.62 -10.97 4.24
C PRO A 264 1.72 -11.06 5.46
N THR A 265 2.35 -11.11 6.64
CA THR A 265 1.64 -11.24 7.91
C THR A 265 2.67 -11.07 9.02
N GLY A 266 2.17 -11.02 10.26
CA GLY A 266 3.03 -10.97 11.43
C GLY A 266 3.45 -9.58 11.86
N TRP A 267 2.47 -8.68 12.05
CA TRP A 267 2.77 -7.29 12.33
C TRP A 267 2.88 -6.97 13.82
N THR A 268 2.45 -7.87 14.70
CA THR A 268 2.42 -7.61 16.13
C THR A 268 3.54 -8.36 16.82
N HIS A 269 4.38 -7.63 17.57
CA HIS A 269 5.47 -8.22 18.34
C HIS A 269 5.66 -7.40 19.60
N SER A 270 5.50 -8.04 20.75
CA SER A 270 5.76 -7.40 22.03
C SER A 270 6.00 -8.51 23.05
N ASN A 271 6.33 -8.09 24.28
CA ASN A 271 6.43 -9.05 25.38
C ASN A 271 5.11 -9.76 25.64
N LYS A 272 4.00 -9.19 25.17
CA LYS A 272 2.68 -9.80 25.38
C LYS A 272 2.37 -10.85 24.32
N PHE A 273 2.89 -10.69 23.10
CA PHE A 273 2.43 -11.49 21.96
C PHE A 273 3.54 -11.59 20.93
N THR A 274 3.94 -12.82 20.61
CA THR A 274 4.97 -13.13 19.60
C THR A 274 6.22 -12.28 19.82
N ARG A 275 6.86 -12.51 20.96
CA ARG A 275 8.07 -11.76 21.31
C ARG A 275 9.15 -11.95 20.24
N ILE A 276 9.39 -13.20 19.84
CA ILE A 276 10.41 -13.49 18.83
C ILE A 276 9.89 -13.11 17.46
N ALA A 277 10.60 -12.21 16.77
CA ALA A 277 10.21 -11.76 15.44
C ALA A 277 10.79 -12.62 14.32
N ASP A 278 11.66 -13.59 14.66
CA ASP A 278 12.30 -14.45 13.66
C ASP A 278 11.26 -15.29 12.91
N VAL A 279 11.33 -15.26 11.58
CA VAL A 279 10.30 -15.91 10.75
C VAL A 279 10.67 -17.38 10.54
N ILE A 280 9.75 -18.26 10.89
CA ILE A 280 9.88 -19.70 10.69
C ILE A 280 8.65 -20.18 9.92
N PRO A 281 8.80 -21.00 8.89
CA PRO A 281 7.64 -21.37 8.08
C PRO A 281 6.71 -22.36 8.78
N GLN A 282 5.43 -22.29 8.42
CA GLN A 282 4.51 -23.39 8.68
C GLN A 282 4.71 -24.43 7.59
N THR A 283 5.01 -25.66 7.97
CA THR A 283 5.39 -26.69 7.02
C THR A 283 4.47 -27.90 7.15
N LYS A 284 4.08 -28.45 6.01
CA LYS A 284 3.38 -29.73 5.96
C LYS A 284 3.91 -30.50 4.76
N GLY A 285 4.68 -31.56 5.02
CA GLY A 285 5.26 -32.28 3.91
C GLY A 285 6.20 -31.38 3.14
N ASN A 286 6.00 -31.34 1.81
CA ASN A 286 6.87 -30.57 0.92
C ASN A 286 6.32 -29.17 0.63
N ILE A 287 5.50 -28.62 1.52
CA ILE A 287 4.96 -27.28 1.37
C ILE A 287 5.31 -26.49 2.62
N SER A 288 5.99 -25.35 2.42
CA SER A 288 6.31 -24.43 3.51
C SER A 288 5.72 -23.07 3.20
N ILE A 289 5.13 -22.43 4.20
CA ILE A 289 4.56 -21.09 4.06
C ILE A 289 5.29 -20.16 5.02
N TYR A 290 5.92 -19.12 4.47
CA TYR A 290 6.67 -18.13 5.24
C TYR A 290 5.79 -16.90 5.43
N GLY A 291 5.47 -16.58 6.68
CA GLY A 291 4.76 -15.37 6.99
C GLY A 291 5.74 -14.23 7.21
N ILE A 292 5.87 -13.35 6.23
CA ILE A 292 6.90 -12.32 6.31
C ILE A 292 6.26 -10.96 6.58
N PRO A 293 6.83 -10.17 7.47
CA PRO A 293 6.22 -8.90 7.88
C PRO A 293 6.55 -7.76 6.93
N TYR A 294 6.21 -7.94 5.66
CA TYR A 294 6.36 -6.89 4.66
C TYR A 294 5.16 -5.96 4.74
N SER A 295 5.37 -4.74 5.22
CA SER A 295 4.27 -3.78 5.36
C SER A 295 4.43 -2.59 4.42
N GLU A 296 3.31 -2.08 3.95
CA GLU A 296 3.28 -0.81 3.25
C GLU A 296 2.54 0.26 4.03
N HIS A 297 2.41 0.07 5.35
CA HIS A 297 1.99 1.10 6.28
C HIS A 297 3.10 1.39 7.30
N SER A 298 3.05 2.59 7.89
CA SER A 298 4.01 2.98 8.91
C SER A 298 3.96 2.02 10.10
N SER A 299 5.14 1.62 10.57
CA SER A 299 5.22 1.09 11.93
C SER A 299 4.88 2.20 12.92
N TYR A 300 4.64 1.81 14.18
CA TYR A 300 4.37 2.82 15.20
C TYR A 300 5.51 3.83 15.30
N LEU A 301 6.76 3.33 15.38
CA LEU A 301 7.89 4.24 15.51
C LEU A 301 8.04 5.14 14.27
N GLU A 302 7.82 4.58 13.07
CA GLU A 302 7.92 5.40 11.87
C GLU A 302 6.86 6.50 11.86
N MET A 303 5.63 6.14 12.21
CA MET A 303 4.55 7.12 12.29
C MET A 303 4.86 8.20 13.30
N LYS A 304 5.33 7.79 14.47
CA LYS A 304 5.65 8.74 15.53
C LYS A 304 6.74 9.72 15.10
N ARG A 305 7.80 9.20 14.48
CA ARG A 305 8.88 10.08 14.02
C ARG A 305 8.36 11.10 13.02
N PHE A 306 7.56 10.65 12.04
CA PHE A 306 7.05 11.57 11.03
C PHE A 306 6.20 12.68 11.66
N VAL A 307 5.28 12.30 12.54
CA VAL A 307 4.39 13.29 13.13
C VAL A 307 5.16 14.25 14.03
N GLN A 308 6.14 13.75 14.78
CA GLN A 308 6.93 14.65 15.62
C GLN A 308 7.82 15.56 14.80
N TRP A 309 8.18 15.15 13.59
CA TRP A 309 8.91 16.06 12.73
C TRP A 309 7.98 17.12 12.13
N LEU A 310 6.83 16.67 11.64
CA LEU A 310 5.88 17.57 10.99
C LEU A 310 5.26 18.56 11.95
N LYS A 311 5.09 18.19 13.21
CA LYS A 311 4.49 19.04 14.24
C LYS A 311 3.16 19.67 13.83
N PRO A 312 2.17 18.87 13.43
CA PRO A 312 0.90 19.44 13.01
C PRO A 312 0.15 20.01 14.21
N GLN A 313 -0.67 21.03 13.93
CA GLN A 313 -1.50 21.58 15.00
C GLN A 313 -2.68 20.67 15.33
N LYS A 314 -3.20 19.96 14.35
CA LYS A 314 -4.32 19.05 14.56
C LYS A 314 -4.15 17.79 13.73
N ILE A 315 -4.48 16.63 14.30
CA ILE A 315 -4.39 15.35 13.61
C ILE A 315 -5.79 14.76 13.51
N ILE A 316 -6.15 14.34 12.30
CA ILE A 316 -7.42 13.69 12.03
C ILE A 316 -7.13 12.29 11.52
N PRO A 317 -7.28 11.26 12.34
CA PRO A 317 -7.06 9.89 11.87
C PRO A 317 -8.06 9.52 10.80
N THR A 318 -7.61 8.71 9.83
CA THR A 318 -8.48 8.22 8.78
C THR A 318 -8.68 6.71 8.84
N VAL A 319 -8.02 6.02 9.76
CA VAL A 319 -8.09 4.58 9.93
C VAL A 319 -8.35 4.29 11.40
N ASN A 320 -9.13 3.24 11.67
CA ASN A 320 -9.35 2.74 13.03
C ASN A 320 -10.13 3.71 13.90
N VAL A 321 -10.98 4.56 13.33
CA VAL A 321 -11.78 5.47 14.14
C VAL A 321 -13.22 4.95 14.30
N GLY A 322 -13.43 3.65 14.09
CA GLY A 322 -14.76 3.07 14.27
C GLY A 322 -15.11 2.66 15.68
N THR A 323 -14.14 2.57 16.59
CA THR A 323 -14.39 2.20 17.98
C THR A 323 -13.89 3.30 18.91
N TRP A 324 -14.58 3.43 20.05
CA TRP A 324 -14.16 4.42 21.05
C TRP A 324 -12.80 4.07 21.62
N LYS A 325 -12.52 2.78 21.80
CA LYS A 325 -11.24 2.38 22.35
C LYS A 325 -10.09 2.83 21.45
N SER A 326 -10.24 2.61 20.15
CA SER A 326 -9.17 2.97 19.22
C SER A 326 -9.03 4.49 19.08
N ARG A 327 -10.15 5.21 18.99
CA ARG A 327 -10.07 6.67 18.97
C ARG A 327 -9.36 7.19 20.21
N SER A 328 -9.72 6.65 21.38
CA SER A 328 -9.15 7.11 22.64
C SER A 328 -7.66 6.81 22.71
N THR A 329 -7.26 5.60 22.35
CA THR A 329 -5.85 5.25 22.41
C THR A 329 -5.02 6.12 21.46
N MET A 330 -5.53 6.34 20.25
CA MET A 330 -4.79 7.16 19.28
C MET A 330 -4.60 8.59 19.79
N GLU A 331 -5.66 9.20 20.34
CA GLU A 331 -5.53 10.54 20.86
C GLU A 331 -4.55 10.61 22.02
N LYS A 332 -4.47 9.56 22.84
CA LYS A 332 -3.47 9.53 23.90
C LYS A 332 -2.06 9.55 23.32
N TYR A 333 -1.83 8.77 22.26
CA TYR A 333 -0.50 8.75 21.65
C TYR A 333 -0.15 10.09 21.03
N PHE A 334 -1.11 10.71 20.33
CA PHE A 334 -0.84 12.03 19.76
C PHE A 334 -0.43 13.02 20.85
N ARG A 335 -1.14 13.00 21.98
CA ARG A 335 -0.79 13.90 23.08
C ARG A 335 0.60 13.59 23.62
N GLU A 336 0.91 12.30 23.82
CA GLU A 336 2.25 11.92 24.24
C GLU A 336 3.30 12.45 23.28
N TRP A 337 3.07 12.29 21.98
CA TRP A 337 4.05 12.73 21.00
C TRP A 337 4.22 14.24 21.04
N LYS A 338 3.10 14.96 21.15
CA LYS A 338 3.12 16.41 21.20
C LYS A 338 3.86 16.91 22.43
N LEU A 339 3.63 16.28 23.58
CA LEU A 339 4.30 16.72 24.81
C LEU A 339 5.80 16.41 24.76
N GLU A 340 6.17 15.26 24.22
CA GLU A 340 7.58 14.91 24.16
C GLU A 340 8.35 15.83 23.24
N ALA A 341 7.80 16.15 22.07
CA ALA A 341 8.49 16.97 21.08
C ALA A 341 8.26 18.46 21.26
N GLY A 342 7.29 18.85 22.09
CA GLY A 342 7.11 20.26 22.43
C GLY A 342 6.43 21.11 21.39
N TYR A 343 5.48 20.57 20.64
CA TYR A 343 4.71 21.40 19.71
C TYR A 343 3.26 21.55 20.17
NI NI B . -3.93 1.02 0.81
C CE3 C . -0.77 -22.56 7.97
C1 CE3 C . -1.01 -21.34 7.20
S CE3 C . -0.99 -22.48 9.74
C2 CE3 C . -1.50 -24.20 9.93
C3 CE3 C . -2.53 -24.76 9.00
C4 CE3 C . -2.77 -24.14 7.81
N CE3 C . -2.02 -23.06 7.38
C5 CE3 C . -2.18 -22.01 6.57
O CE3 C . -2.99 -21.72 5.80
N1 CE3 C . -0.67 -20.05 7.63
C6 CE3 C . -0.65 -19.00 6.91
O2 CE3 C . -0.62 -18.87 5.71
C7 CE3 C . -0.32 -17.84 7.81
N2 CE3 C . 0.84 -17.77 8.32
O1 CE3 C . 1.70 -18.80 7.89
C8 CE3 C . 3.09 -18.72 8.23
C14 CE3 C . -1.40 -16.89 7.98
N3 CE3 C . -2.58 -17.13 7.35
C15 CE3 C . -3.44 -16.21 7.60
N4 CE3 C . -4.67 -16.13 7.16
S1 CE3 C . -2.79 -14.92 8.53
C13 CE3 C . -1.35 -15.77 8.72
C9 CE3 C . -3.14 -26.00 9.64
O3 CE3 C . -2.56 -27.32 9.28
C10 CE3 C . -1.80 -28.20 10.08
O4 CE3 C . -2.03 -29.36 10.29
C11 CE3 C . -0.55 -27.70 10.62
C12 CE3 C . -3.90 -24.56 6.92
O5 CE3 C . -4.89 -24.77 7.43
O6 CE3 C . -3.71 -24.66 5.88
C CE3 D . -14.93 2.92 9.98
C1 CE3 D . -14.60 4.18 10.76
S CE3 D . -15.75 3.36 8.47
C2 CE3 D . -15.14 1.99 7.52
C3 CE3 D . -13.67 1.88 7.61
C4 CE3 D . -12.90 2.30 8.63
N CE3 D . -13.52 2.90 9.63
C5 CE3 D . -13.12 3.88 10.50
O CE3 D . -12.07 4.38 10.74
N1 CE3 D . -15.40 5.32 11.13
C6 CE3 D . -16.50 5.79 11.77
O2 CE3 D . -17.15 5.23 12.59
C7 CE3 D . -16.91 7.09 11.33
N2 CE3 D . -16.34 8.19 11.69
O1 CE3 D . -15.66 8.09 12.85
C8 CE3 D . -14.97 9.30 13.11
C14 CE3 D . -17.99 7.12 10.34
N3 CE3 D . -18.80 8.22 10.23
C15 CE3 D . -19.64 8.03 9.26
N4 CE3 D . -20.49 9.00 8.79
S1 CE3 D . -19.59 6.46 8.51
C13 CE3 D . -18.23 6.13 9.47
C9 CE3 D . -13.17 1.14 6.60
O3 CE3 D . -13.59 1.71 5.39
C10 CE3 D . -13.31 1.03 4.32
O4 CE3 D . -12.24 0.41 4.22
C11 CE3 D . -14.45 1.13 3.36
C12 CE3 D . -11.42 1.96 8.85
O5 CE3 D . -10.78 1.82 7.91
O6 CE3 D . -11.06 1.79 9.90
#